data_9MYA
#
_entry.id   9MYA
#
_cell.length_a   97.992
_cell.length_b   65.152
_cell.length_c   44.377
_cell.angle_alpha   90.000
_cell.angle_beta   90.000
_cell.angle_gamma   90.000
#
_symmetry.space_group_name_H-M   'P 21 21 2'
#
loop_
_entity.id
_entity.type
_entity.pdbx_description
1 polymer 'Retro-aldolase RA95-Shell'
2 non-polymer 'CHLORIDE ION'
3 water water
#
_entity_poly.entity_id   1
_entity_poly.type   'polypeptide(L)'
_entity_poly.pdbx_seq_one_letter_code
;PRYLKGWLEDVVQLSLRRPSVRASRQRPIISLNERILEFNKRNITAIIAVYERKSPSGLDVERDPIEYAKFMERYAVGLS
ITTEEKYFNGSYETLRKIASSVSIPILMSDFIVKESQIDDAYNLGADTVLLIVKILTERELESLLEYARSYGMEPLILIN
DENDLDIALRIGARFIGIMSRDFETGEINKENQRKLISMIPSNVVKVAKLGISERNEIEELRKLGVNAFLISSSLMRNPE
KIKELIEGSLEHHHHHH
;
_entity_poly.pdbx_strand_id   A
#
loop_
_chem_comp.id
_chem_comp.type
_chem_comp.name
_chem_comp.formula
CL non-polymer 'CHLORIDE ION' 'Cl -1'
#
# COMPACT_ATOMS: atom_id res chain seq x y z
N PRO A 1 8.14 -18.27 3.09
CA PRO A 1 8.66 -17.12 2.35
C PRO A 1 9.91 -17.42 1.54
N ARG A 2 10.45 -16.39 0.92
CA ARG A 2 11.69 -16.54 0.18
C ARG A 2 12.91 -16.24 1.03
N TYR A 3 14.06 -16.67 0.50
CA TYR A 3 15.33 -16.35 1.09
C TYR A 3 15.58 -14.84 1.09
N LEU A 4 15.94 -14.33 2.27
CA LEU A 4 16.11 -12.90 2.48
C LEU A 4 17.29 -12.69 3.41
N LYS A 5 17.82 -11.47 3.39
CA LYS A 5 18.92 -11.09 4.26
C LYS A 5 18.67 -9.67 4.74
N GLY A 6 19.54 -9.20 5.63
CA GLY A 6 19.40 -7.83 6.08
C GLY A 6 18.13 -7.59 6.86
N TRP A 7 17.59 -6.37 6.75
CA TRP A 7 16.44 -6.00 7.57
C TRP A 7 15.16 -6.68 7.08
N LEU A 8 15.09 -7.04 5.80
CA LEU A 8 13.93 -7.76 5.30
C LEU A 8 13.80 -9.12 5.96
N GLU A 9 14.92 -9.82 6.12
CA GLU A 9 14.87 -11.09 6.81
C GLU A 9 14.38 -10.92 8.25
N ASP A 10 14.81 -9.84 8.90
CA ASP A 10 14.40 -9.58 10.27
C ASP A 10 12.90 -9.30 10.36
N VAL A 11 12.40 -8.45 9.46
CA VAL A 11 10.98 -8.10 9.53
C VAL A 11 10.11 -9.31 9.23
N VAL A 12 10.55 -10.20 8.34
CA VAL A 12 9.77 -11.40 8.06
C VAL A 12 9.74 -12.32 9.28
N GLN A 13 10.85 -12.47 10.00
N GLN A 13 10.87 -12.47 9.97
CA GLN A 13 10.80 -13.28 11.20
CA GLN A 13 10.95 -13.21 11.23
C GLN A 13 9.84 -12.68 12.21
C GLN A 13 9.93 -12.67 12.23
N LEU A 14 9.82 -11.36 12.33
CA LEU A 14 8.85 -10.74 13.22
C LEU A 14 7.42 -11.04 12.80
N SER A 15 7.15 -10.92 11.51
CA SER A 15 5.81 -11.19 11.00
C SER A 15 5.41 -12.65 11.25
N LEU A 16 6.34 -13.58 11.06
CA LEU A 16 6.02 -14.98 11.26
C LEU A 16 5.49 -15.24 12.67
N ARG A 17 6.01 -14.53 13.66
CA ARG A 17 5.64 -14.76 15.05
C ARG A 17 4.66 -13.74 15.59
N ARG A 18 4.12 -12.88 14.73
CA ARG A 18 3.16 -11.85 15.14
C ARG A 18 1.87 -12.49 15.61
N PRO A 19 1.43 -12.25 16.84
CA PRO A 19 0.20 -12.90 17.30
C PRO A 19 -1.04 -12.32 16.64
N SER A 20 -2.00 -13.20 16.40
CA SER A 20 -3.26 -12.83 15.77
C SER A 20 -4.19 -12.22 16.80
N VAL A 21 -5.11 -11.39 16.33
CA VAL A 21 -6.05 -10.71 17.19
C VAL A 21 -7.44 -11.28 16.98
N ARG A 22 -8.26 -11.17 18.00
CA ARG A 22 -9.68 -11.47 17.92
C ARG A 22 -10.44 -10.16 18.10
N ALA A 23 -11.26 -9.82 17.12
CA ALA A 23 -11.98 -8.55 17.12
C ALA A 23 -13.10 -8.66 16.12
N SER A 24 -14.16 -7.90 16.36
CA SER A 24 -15.30 -7.86 15.46
C SER A 24 -15.18 -6.67 14.53
N ARG A 25 -15.29 -6.93 13.24
CA ARG A 25 -15.27 -5.85 12.27
C ARG A 25 -16.52 -4.99 12.39
N GLN A 26 -16.33 -3.68 12.35
CA GLN A 26 -17.38 -2.73 12.64
C GLN A 26 -18.05 -2.14 11.41
N ARG A 27 -17.51 -2.38 10.22
CA ARG A 27 -18.03 -1.80 8.99
C ARG A 27 -17.86 -2.79 7.86
N PRO A 28 -18.61 -2.64 6.79
CA PRO A 28 -18.43 -3.54 5.64
C PRO A 28 -17.15 -3.20 4.89
N ILE A 29 -16.82 -4.09 3.96
CA ILE A 29 -15.66 -3.89 3.09
C ILE A 29 -15.99 -2.79 2.09
N ILE A 30 -15.16 -1.75 2.05
CA ILE A 30 -15.26 -0.70 1.03
C ILE A 30 -14.11 -0.90 0.06
N SER A 31 -14.44 -1.15 -1.20
CA SER A 31 -13.44 -1.62 -2.15
C SER A 31 -12.56 -0.48 -2.63
N LEU A 32 -11.25 -0.59 -2.38
CA LEU A 32 -10.31 0.44 -2.80
C LEU A 32 -10.14 0.45 -4.32
N ASN A 33 -10.01 -0.71 -4.95
CA ASN A 33 -9.80 -0.71 -6.40
C ASN A 33 -11.02 -0.19 -7.14
N GLU A 34 -12.22 -0.44 -6.63
CA GLU A 34 -13.42 0.09 -7.27
C GLU A 34 -13.52 1.59 -7.08
N ARG A 35 -13.12 2.13 -5.93
CA ARG A 35 -13.18 3.57 -5.77
C ARG A 35 -12.19 4.27 -6.67
N ILE A 36 -11.02 3.64 -6.91
CA ILE A 36 -10.04 4.22 -7.83
C ILE A 36 -10.64 4.40 -9.22
N LEU A 37 -11.32 3.36 -9.71
CA LEU A 37 -11.89 3.45 -11.05
C LEU A 37 -12.97 4.52 -11.13
N GLU A 38 -13.74 4.67 -10.06
CA GLU A 38 -14.73 5.74 -10.01
C GLU A 38 -14.06 7.11 -10.09
N PHE A 39 -12.94 7.28 -9.39
CA PHE A 39 -12.18 8.51 -9.51
C PHE A 39 -11.68 8.70 -10.94
N ASN A 40 -11.16 7.64 -11.56
CA ASN A 40 -10.68 7.72 -12.93
C ASN A 40 -11.79 8.17 -13.87
N LYS A 41 -12.98 7.57 -13.72
CA LYS A 41 -14.13 7.92 -14.54
C LYS A 41 -14.44 9.40 -14.49
N ARG A 42 -14.32 10.02 -13.33
CA ARG A 42 -14.59 11.43 -13.18
C ARG A 42 -13.34 12.29 -13.34
N ASN A 43 -12.21 11.68 -13.66
CA ASN A 43 -10.98 12.43 -13.92
C ASN A 43 -10.49 13.16 -12.67
N ILE A 44 -10.70 12.55 -11.51
CA ILE A 44 -10.15 13.05 -10.26
C ILE A 44 -8.88 12.26 -9.95
N THR A 45 -7.77 12.97 -9.75
CA THR A 45 -6.53 12.28 -9.42
C THR A 45 -6.70 11.47 -8.14
N ALA A 46 -6.35 10.19 -8.21
CA ALA A 46 -6.65 9.23 -7.14
C ALA A 46 -5.37 8.98 -6.34
N ILE A 47 -5.32 9.49 -5.12
CA ILE A 47 -4.15 9.41 -4.26
C ILE A 47 -4.49 8.61 -3.01
N ILE A 48 -3.71 7.56 -2.76
CA ILE A 48 -3.80 6.79 -1.52
C ILE A 48 -2.77 7.39 -0.57
N ALA A 49 -3.25 8.03 0.51
CA ALA A 49 -2.36 8.70 1.44
C ALA A 49 -1.84 7.70 2.46
N VAL A 50 -0.52 7.68 2.65
CA VAL A 50 0.12 6.75 3.58
C VAL A 50 0.26 7.42 4.93
N TYR A 51 -0.10 6.72 5.99
CA TYR A 51 0.27 7.11 7.33
C TYR A 51 1.35 6.18 7.84
N GLU A 52 2.53 6.72 8.11
CA GLU A 52 3.57 5.96 8.75
C GLU A 52 4.52 6.92 9.46
N ARG A 53 4.86 6.58 10.70
CA ARG A 53 5.66 7.47 11.54
C ARG A 53 7.14 7.39 11.20
N LYS A 54 7.60 6.22 10.74
N LYS A 54 7.61 6.22 10.79
CA LYS A 54 9.00 5.98 10.44
CA LYS A 54 9.00 6.03 10.42
C LYS A 54 9.07 5.14 9.17
C LYS A 54 9.07 5.19 9.15
N SER A 55 10.22 5.21 8.51
CA SER A 55 10.50 4.38 7.34
C SER A 55 12.00 4.15 7.32
N PRO A 56 12.47 3.01 6.83
CA PRO A 56 13.92 2.83 6.67
C PRO A 56 14.57 3.85 5.74
N SER A 57 13.82 4.52 4.88
CA SER A 57 14.39 5.53 4.00
C SER A 57 14.61 6.87 4.69
N GLY A 58 14.36 6.96 6.00
CA GLY A 58 14.68 8.14 6.77
C GLY A 58 13.50 8.97 7.23
N LEU A 59 12.29 8.61 6.85
CA LEU A 59 11.12 9.34 7.32
C LEU A 59 11.02 9.22 8.84
N ASP A 60 10.76 10.35 9.50
CA ASP A 60 10.54 10.35 10.95
C ASP A 60 9.65 11.54 11.26
N VAL A 61 8.35 11.27 11.38
CA VAL A 61 7.34 12.30 11.58
C VAL A 61 6.41 11.82 12.68
N GLU A 62 6.22 12.64 13.71
N GLU A 62 6.27 12.62 13.74
CA GLU A 62 5.22 12.39 14.74
CA GLU A 62 5.24 12.44 14.75
C GLU A 62 4.04 13.32 14.51
C GLU A 62 4.06 13.32 14.37
N ARG A 63 2.87 12.73 14.28
CA ARG A 63 1.70 13.45 13.83
C ARG A 63 0.47 12.68 14.26
N ASP A 64 -0.52 13.41 14.78
CA ASP A 64 -1.80 12.85 15.18
C ASP A 64 -2.37 12.00 14.04
N PRO A 65 -2.58 10.70 14.27
CA PRO A 65 -3.12 9.88 13.16
C PRO A 65 -4.56 10.18 12.83
N ILE A 66 -5.39 10.53 13.82
CA ILE A 66 -6.78 10.84 13.54
C ILE A 66 -6.92 12.16 12.80
N GLU A 67 -6.16 13.18 13.21
CA GLU A 67 -6.22 14.46 12.52
C GLU A 67 -5.81 14.30 11.07
N TYR A 68 -4.78 13.50 10.82
CA TYR A 68 -4.32 13.23 9.45
C TYR A 68 -5.39 12.50 8.64
N ALA A 69 -5.95 11.45 9.23
CA ALA A 69 -6.92 10.63 8.50
C ALA A 69 -8.17 11.43 8.17
N LYS A 70 -8.67 12.21 9.13
CA LYS A 70 -9.90 12.96 8.87
C LYS A 70 -9.66 14.06 7.87
N PHE A 71 -8.45 14.62 7.85
CA PHE A 71 -8.12 15.55 6.78
C PHE A 71 -8.12 14.85 5.43
N MET A 72 -7.43 13.72 5.33
CA MET A 72 -7.30 13.00 4.07
C MET A 72 -8.62 12.45 3.56
N GLU A 73 -9.56 12.20 4.47
CA GLU A 73 -10.87 11.69 4.07
C GLU A 73 -11.55 12.62 3.08
N ARG A 74 -11.23 13.90 3.11
CA ARG A 74 -11.87 14.86 2.21
C ARG A 74 -11.26 14.87 0.82
N TYR A 75 -10.10 14.24 0.62
CA TYR A 75 -9.37 14.41 -0.64
C TYR A 75 -8.85 13.11 -1.24
N ALA A 76 -8.44 12.16 -0.42
CA ALA A 76 -7.75 10.97 -0.90
C ALA A 76 -8.76 9.92 -1.33
N VAL A 77 -8.32 9.06 -2.26
CA VAL A 77 -9.15 7.93 -2.67
C VAL A 77 -9.16 6.84 -1.61
N GLY A 78 -8.12 6.78 -0.79
CA GLY A 78 -8.03 5.80 0.29
C GLY A 78 -6.83 6.12 1.15
N LEU A 79 -6.68 5.36 2.23
CA LEU A 79 -5.59 5.51 3.17
C LEU A 79 -4.81 4.21 3.24
N SER A 80 -3.49 4.32 3.34
CA SER A 80 -2.64 3.16 3.64
C SER A 80 -2.06 3.34 5.03
N ILE A 81 -2.28 2.36 5.90
CA ILE A 81 -1.83 2.42 7.28
C ILE A 81 -0.77 1.35 7.46
N THR A 82 0.45 1.76 7.80
CA THR A 82 1.52 0.80 8.01
C THR A 82 1.45 0.25 9.42
N THR A 83 1.41 -1.06 9.54
CA THR A 83 1.26 -1.74 10.82
C THR A 83 2.50 -2.52 11.22
N GLU A 84 3.57 -2.48 10.42
CA GLU A 84 4.83 -3.07 10.82
C GLU A 84 5.41 -2.26 11.97
N GLU A 85 5.87 -2.94 13.02
CA GLU A 85 6.16 -2.28 14.28
C GLU A 85 7.60 -1.84 14.43
N LYS A 86 8.57 -2.63 13.97
CA LYS A 86 9.95 -2.37 14.35
C LYS A 86 10.58 -1.28 13.47
N TYR A 87 10.36 -1.33 12.17
CA TYR A 87 11.00 -0.40 11.24
C TYR A 87 10.10 0.75 10.80
N PHE A 88 8.78 0.63 10.97
CA PHE A 88 7.86 1.68 10.59
C PHE A 88 7.10 2.25 11.77
N ASN A 89 7.30 1.71 12.97
CA ASN A 89 6.67 2.22 14.18
C ASN A 89 5.15 2.26 14.07
N GLY A 90 4.59 1.32 13.33
CA GLY A 90 3.16 1.19 13.25
C GLY A 90 2.61 0.23 14.28
N SER A 91 1.29 0.15 14.33
CA SER A 91 0.65 -0.79 15.23
C SER A 91 -0.74 -1.13 14.73
N TYR A 92 -1.22 -2.28 15.19
CA TYR A 92 -2.60 -2.68 14.93
C TYR A 92 -3.59 -1.71 15.57
N GLU A 93 -3.27 -1.18 16.75
N GLU A 93 -3.27 -1.18 16.75
CA GLU A 93 -4.20 -0.27 17.39
CA GLU A 93 -4.19 -0.25 17.40
C GLU A 93 -4.37 1.02 16.60
C GLU A 93 -4.40 0.98 16.54
N THR A 94 -3.34 1.46 15.88
CA THR A 94 -3.48 2.65 15.03
C THR A 94 -4.41 2.37 13.87
N LEU A 95 -4.27 1.21 13.23
CA LEU A 95 -5.20 0.81 12.17
C LEU A 95 -6.62 0.80 12.69
N ARG A 96 -6.85 0.14 13.83
CA ARG A 96 -8.20 0.03 14.35
C ARG A 96 -8.81 1.39 14.61
N LYS A 97 -8.03 2.29 15.22
CA LYS A 97 -8.56 3.62 15.54
C LYS A 97 -8.90 4.41 14.28
N ILE A 98 -8.05 4.34 13.26
CA ILE A 98 -8.34 5.08 12.03
C ILE A 98 -9.53 4.45 11.31
N ALA A 99 -9.60 3.12 11.29
CA ALA A 99 -10.68 2.44 10.57
C ALA A 99 -12.03 2.75 11.19
N SER A 100 -12.07 2.99 12.50
N SER A 100 -12.08 2.98 12.51
CA SER A 100 -13.33 3.31 13.18
CA SER A 100 -13.35 3.32 13.14
C SER A 100 -13.67 4.79 13.10
C SER A 100 -13.77 4.74 12.84
N SER A 101 -12.85 5.61 12.44
CA SER A 101 -13.10 7.04 12.37
C SER A 101 -13.30 7.58 10.96
N VAL A 102 -12.96 6.83 9.91
CA VAL A 102 -13.15 7.31 8.55
C VAL A 102 -13.95 6.27 7.78
N SER A 103 -14.51 6.72 6.66
CA SER A 103 -15.36 5.88 5.83
C SER A 103 -14.85 5.82 4.39
N ILE A 104 -13.55 6.03 4.19
CA ILE A 104 -12.92 5.80 2.90
C ILE A 104 -12.11 4.51 3.01
N PRO A 105 -11.72 3.88 1.90
CA PRO A 105 -11.09 2.56 1.99
C PRO A 105 -9.71 2.59 2.62
N ILE A 106 -9.41 1.53 3.37
N ILE A 106 -9.37 1.52 3.33
CA ILE A 106 -8.16 1.41 4.12
CA ILE A 106 -8.14 1.44 4.10
C ILE A 106 -7.36 0.25 3.55
C ILE A 106 -7.33 0.23 3.66
N LEU A 107 -6.09 0.49 3.26
CA LEU A 107 -5.13 -0.54 2.89
C LEU A 107 -4.22 -0.79 4.09
N MET A 108 -4.18 -2.03 4.56
CA MET A 108 -3.24 -2.39 5.60
C MET A 108 -1.90 -2.72 4.97
N SER A 109 -0.86 -1.96 5.33
N SER A 109 -0.88 -1.91 5.25
CA SER A 109 0.47 -2.09 4.72
CA SER A 109 0.46 -2.11 4.70
C SER A 109 1.43 -2.73 5.73
C SER A 109 1.34 -2.76 5.75
N ASP A 110 1.82 -3.96 5.46
CA ASP A 110 2.69 -4.72 6.35
C ASP A 110 3.46 -5.71 5.48
N PHE A 111 4.19 -6.61 6.14
CA PHE A 111 4.90 -7.70 5.49
C PHE A 111 4.13 -8.97 5.80
N ILE A 112 3.18 -9.29 4.93
CA ILE A 112 2.23 -10.37 5.19
C ILE A 112 2.82 -11.67 4.67
N VAL A 113 2.97 -12.64 5.57
CA VAL A 113 3.55 -13.93 5.26
C VAL A 113 2.67 -15.09 5.70
N LYS A 114 1.56 -14.84 6.39
CA LYS A 114 0.71 -15.92 6.88
C LYS A 114 -0.74 -15.48 6.89
N GLU A 115 -1.63 -16.48 6.84
CA GLU A 115 -3.06 -16.19 6.71
C GLU A 115 -3.60 -15.37 7.88
N SER A 116 -3.09 -15.61 9.09
CA SER A 116 -3.65 -14.93 10.25
C SER A 116 -3.48 -13.43 10.18
N GLN A 117 -2.49 -12.92 9.45
CA GLN A 117 -2.34 -11.48 9.28
C GLN A 117 -3.45 -10.89 8.42
N ILE A 118 -3.98 -11.68 7.48
CA ILE A 118 -5.15 -11.25 6.71
C ILE A 118 -6.40 -11.29 7.58
N ASP A 119 -6.51 -12.31 8.44
CA ASP A 119 -7.56 -12.30 9.44
C ASP A 119 -7.48 -11.04 10.28
N ASP A 120 -6.26 -10.69 10.74
CA ASP A 120 -6.06 -9.48 11.52
C ASP A 120 -6.58 -8.26 10.78
N ALA A 121 -6.20 -8.12 9.51
CA ALA A 121 -6.64 -7.00 8.70
C ALA A 121 -8.15 -6.89 8.69
N TYR A 122 -8.84 -7.99 8.38
CA TYR A 122 -10.29 -7.98 8.33
C TYR A 122 -10.89 -7.61 9.66
N ASN A 123 -10.40 -8.25 10.74
CA ASN A 123 -10.97 -8.03 12.06
C ASN A 123 -10.82 -6.58 12.52
N LEU A 124 -9.74 -5.92 12.11
CA LEU A 124 -9.45 -4.59 12.58
C LEU A 124 -10.04 -3.48 11.71
N GLY A 125 -10.63 -3.83 10.57
CA GLY A 125 -11.34 -2.86 9.77
C GLY A 125 -10.70 -2.50 8.44
N ALA A 126 -9.56 -3.08 8.08
CA ALA A 126 -8.97 -2.80 6.79
C ALA A 126 -9.87 -3.31 5.67
N ASP A 127 -9.82 -2.64 4.52
CA ASP A 127 -10.59 -3.06 3.36
C ASP A 127 -9.78 -3.88 2.37
N THR A 128 -8.45 -3.81 2.43
CA THR A 128 -7.62 -4.68 1.63
C THR A 128 -6.23 -4.71 2.27
N VAL A 129 -5.35 -5.54 1.71
CA VAL A 129 -4.02 -5.71 2.27
C VAL A 129 -3.00 -5.67 1.15
N LEU A 130 -1.76 -5.40 1.54
CA LEU A 130 -0.62 -5.39 0.64
C LEU A 130 0.05 -6.76 0.66
N LEU A 131 0.35 -7.28 -0.53
CA LEU A 131 1.13 -8.50 -0.68
C LEU A 131 2.36 -8.18 -1.53
N ILE A 132 3.51 -8.70 -1.12
CA ILE A 132 4.81 -8.32 -1.69
C ILE A 132 5.42 -9.54 -2.37
N VAL A 133 5.59 -9.47 -3.69
CA VAL A 133 6.05 -10.63 -4.43
C VAL A 133 7.45 -11.04 -3.99
N LYS A 134 8.29 -10.07 -3.66
CA LYS A 134 9.69 -10.36 -3.38
C LYS A 134 9.91 -11.18 -2.12
N ILE A 135 8.97 -11.17 -1.15
CA ILE A 135 9.21 -11.94 0.08
C ILE A 135 8.49 -13.27 0.08
N LEU A 136 7.62 -13.53 -0.89
CA LEU A 136 6.79 -14.72 -0.91
C LEU A 136 7.17 -15.61 -2.08
N THR A 137 7.00 -16.92 -1.91
CA THR A 137 7.10 -17.79 -3.07
C THR A 137 5.84 -17.62 -3.94
N GLU A 138 5.92 -18.12 -5.17
CA GLU A 138 4.76 -18.05 -6.04
C GLU A 138 3.57 -18.78 -5.44
N ARG A 139 3.79 -19.95 -4.86
N ARG A 139 3.80 -19.94 -4.84
CA ARG A 139 2.67 -20.70 -4.30
CA ARG A 139 2.69 -20.72 -4.29
C ARG A 139 2.08 -19.97 -3.10
C ARG A 139 2.09 -20.04 -3.06
N GLU A 140 2.93 -19.38 -2.25
CA GLU A 140 2.42 -18.63 -1.11
C GLU A 140 1.58 -17.45 -1.58
N LEU A 141 2.08 -16.70 -2.56
CA LEU A 141 1.35 -15.56 -3.11
C LEU A 141 -0.02 -15.99 -3.62
N GLU A 142 -0.07 -17.07 -4.38
CA GLU A 142 -1.33 -17.56 -4.91
C GLU A 142 -2.29 -17.92 -3.80
N SER A 143 -1.79 -18.59 -2.76
CA SER A 143 -2.65 -19.02 -1.66
C SER A 143 -3.17 -17.83 -0.85
N LEU A 144 -2.31 -16.85 -0.57
CA LEU A 144 -2.76 -15.69 0.19
C LEU A 144 -3.66 -14.78 -0.64
N LEU A 145 -3.44 -14.72 -1.96
CA LEU A 145 -4.36 -13.99 -2.83
C LEU A 145 -5.75 -14.58 -2.77
N GLU A 146 -5.86 -15.90 -2.93
CA GLU A 146 -7.18 -16.55 -2.85
C GLU A 146 -7.80 -16.36 -1.47
N TYR A 147 -6.98 -16.43 -0.42
CA TYR A 147 -7.47 -16.27 0.94
C TYR A 147 -8.06 -14.89 1.14
N ALA A 148 -7.33 -13.86 0.72
CA ALA A 148 -7.85 -12.49 0.82
C ALA A 148 -9.14 -12.34 0.04
N ARG A 149 -9.18 -12.89 -1.18
CA ARG A 149 -10.39 -12.78 -1.99
C ARG A 149 -11.57 -13.48 -1.35
N SER A 150 -11.34 -14.55 -0.55
CA SER A 150 -12.45 -15.23 0.09
C SER A 150 -13.15 -14.33 1.09
N TYR A 151 -12.43 -13.34 1.63
CA TYR A 151 -13.01 -12.32 2.48
C TYR A 151 -13.66 -11.19 1.67
N GLY A 152 -13.48 -11.16 0.35
CA GLY A 152 -13.98 -10.08 -0.46
C GLY A 152 -13.00 -8.95 -0.66
N MET A 153 -11.74 -9.14 -0.34
CA MET A 153 -10.71 -8.16 -0.61
C MET A 153 -10.02 -8.46 -1.92
N GLU A 154 -9.63 -7.41 -2.62
CA GLU A 154 -8.71 -7.57 -3.75
C GLU A 154 -7.38 -6.97 -3.30
N PRO A 155 -6.36 -7.78 -3.04
CA PRO A 155 -5.12 -7.21 -2.46
C PRO A 155 -4.33 -6.45 -3.50
N LEU A 156 -3.54 -5.50 -3.01
CA LEU A 156 -2.57 -4.79 -3.84
C LEU A 156 -1.27 -5.57 -3.82
N ILE A 157 -0.86 -6.06 -4.98
CA ILE A 157 0.33 -6.89 -5.14
C ILE A 157 1.46 -6.01 -5.61
N LEU A 158 2.50 -5.90 -4.78
CA LEU A 158 3.57 -4.93 -4.97
C LEU A 158 4.75 -5.59 -5.69
N ILE A 159 5.17 -4.99 -6.79
CA ILE A 159 6.23 -5.54 -7.63
C ILE A 159 7.38 -4.56 -7.70
N ASN A 160 8.56 -5.10 -7.98
CA ASN A 160 9.81 -4.38 -8.00
C ASN A 160 10.55 -4.50 -9.30
N ASP A 161 10.32 -5.56 -10.07
CA ASP A 161 11.11 -5.87 -11.25
C ASP A 161 10.27 -6.74 -12.17
N GLU A 162 10.88 -7.14 -13.28
CA GLU A 162 10.14 -7.85 -14.32
C GLU A 162 9.81 -9.27 -13.90
N ASN A 163 10.62 -9.87 -13.01
CA ASN A 163 10.29 -11.21 -12.53
C ASN A 163 9.07 -11.17 -11.62
N ASP A 164 9.01 -10.19 -10.72
CA ASP A 164 7.81 -9.96 -9.93
C ASP A 164 6.59 -9.87 -10.83
N LEU A 165 6.70 -9.06 -11.90
CA LEU A 165 5.55 -8.83 -12.77
C LEU A 165 5.07 -10.13 -13.40
N ASP A 166 5.99 -10.96 -13.88
CA ASP A 166 5.59 -12.22 -14.51
C ASP A 166 4.80 -13.08 -13.53
N ILE A 167 5.27 -13.18 -12.29
CA ILE A 167 4.55 -13.94 -11.26
C ILE A 167 3.17 -13.33 -11.04
N ALA A 168 3.12 -12.01 -10.85
CA ALA A 168 1.85 -11.34 -10.57
C ALA A 168 0.82 -11.62 -11.65
N LEU A 169 1.21 -11.56 -12.92
CA LEU A 169 0.26 -11.78 -14.00
C LEU A 169 -0.10 -13.25 -14.10
N ARG A 170 0.86 -14.14 -13.86
CA ARG A 170 0.58 -15.57 -13.90
C ARG A 170 -0.49 -15.95 -12.90
N ILE A 171 -0.46 -15.37 -11.70
CA ILE A 171 -1.42 -15.77 -10.68
C ILE A 171 -2.74 -15.04 -10.81
N GLY A 172 -2.84 -14.07 -11.71
CA GLY A 172 -4.09 -13.36 -11.94
C GLY A 172 -4.31 -12.13 -11.10
N ALA A 173 -3.24 -11.49 -10.63
CA ALA A 173 -3.40 -10.24 -9.89
C ALA A 173 -4.16 -9.22 -10.74
N ARG A 174 -5.10 -8.51 -10.12
CA ARG A 174 -5.88 -7.48 -10.79
C ARG A 174 -5.56 -6.08 -10.32
N PHE A 175 -4.71 -5.93 -9.32
CA PHE A 175 -4.50 -4.68 -8.58
C PHE A 175 -3.01 -4.70 -8.22
N ILE A 176 -2.21 -3.95 -8.95
CA ILE A 176 -0.75 -4.09 -8.91
C ILE A 176 -0.12 -2.74 -8.57
N GLY A 177 0.76 -2.75 -7.57
CA GLY A 177 1.54 -1.58 -7.22
C GLY A 177 2.97 -1.73 -7.72
N ILE A 178 3.55 -0.63 -8.18
CA ILE A 178 4.90 -0.63 -8.74
C ILE A 178 5.78 0.26 -7.87
N MET A 179 6.85 -0.31 -7.33
CA MET A 179 7.75 0.43 -6.47
C MET A 179 8.64 1.36 -7.29
N SER A 180 9.05 2.46 -6.65
CA SER A 180 10.04 3.37 -7.23
C SER A 180 11.43 3.20 -6.62
N ARG A 181 11.55 2.40 -5.56
CA ARG A 181 12.82 2.01 -4.96
C ARG A 181 12.95 0.48 -5.02
N ASP A 182 14.15 -0.02 -4.74
CA ASP A 182 14.29 -1.44 -4.40
C ASP A 182 14.63 -1.56 -2.91
N PHE A 183 14.27 -2.72 -2.33
CA PHE A 183 14.28 -2.82 -0.87
C PHE A 183 15.69 -2.82 -0.31
N GLU A 184 16.59 -3.58 -0.93
CA GLU A 184 17.87 -3.88 -0.31
C GLU A 184 18.78 -2.66 -0.30
N THR A 185 18.83 -1.92 -1.40
CA THR A 185 19.63 -0.71 -1.44
C THR A 185 18.85 0.53 -1.06
N GLY A 186 17.53 0.52 -1.27
CA GLY A 186 16.74 1.72 -1.10
C GLY A 186 16.90 2.73 -2.21
N GLU A 187 17.75 2.46 -3.20
CA GLU A 187 17.98 3.42 -4.26
C GLU A 187 16.72 3.63 -5.09
N ILE A 188 16.42 4.89 -5.39
CA ILE A 188 15.31 5.22 -6.27
C ILE A 188 15.68 4.85 -7.70
N ASN A 189 14.72 4.31 -8.43
CA ASN A 189 14.94 3.92 -9.83
C ASN A 189 13.62 4.15 -10.57
N LYS A 190 13.40 5.40 -10.96
CA LYS A 190 12.14 5.77 -11.59
C LYS A 190 12.05 5.26 -13.02
N GLU A 191 13.18 5.08 -13.71
N GLU A 191 13.18 5.08 -13.69
CA GLU A 191 13.15 4.51 -15.05
CA GLU A 191 13.17 4.52 -15.04
C GLU A 191 12.55 3.11 -15.02
C GLU A 191 12.59 3.10 -15.04
N ASN A 192 12.97 2.31 -14.04
CA ASN A 192 12.44 0.95 -13.92
C ASN A 192 10.95 0.97 -13.61
N GLN A 193 10.51 1.92 -12.79
CA GLN A 193 9.08 2.02 -12.49
C GLN A 193 8.28 2.35 -13.74
N ARG A 194 8.74 3.32 -14.52
CA ARG A 194 8.03 3.66 -15.76
C ARG A 194 8.07 2.49 -16.74
N LYS A 195 9.20 1.80 -16.81
CA LYS A 195 9.30 0.63 -17.68
C LYS A 195 8.27 -0.42 -17.31
N LEU A 196 8.13 -0.71 -16.02
CA LEU A 196 7.21 -1.77 -15.60
C LEU A 196 5.76 -1.36 -15.83
N ILE A 197 5.43 -0.10 -15.57
CA ILE A 197 4.07 0.37 -15.77
C ILE A 197 3.63 0.14 -17.21
N SER A 198 4.54 0.35 -18.17
N SER A 198 4.54 0.35 -18.16
CA SER A 198 4.18 0.18 -19.58
CA SER A 198 4.19 0.19 -19.57
C SER A 198 3.95 -1.27 -19.93
C SER A 198 4.04 -1.27 -19.98
N MET A 199 4.52 -2.21 -19.17
CA MET A 199 4.40 -3.62 -19.47
C MET A 199 3.14 -4.25 -18.88
N ILE A 200 2.35 -3.50 -18.13
CA ILE A 200 1.18 -4.08 -17.45
C ILE A 200 -0.05 -3.90 -18.33
N PRO A 201 -0.89 -4.93 -18.48
CA PRO A 201 -2.10 -4.78 -19.28
C PRO A 201 -3.01 -3.69 -18.74
N SER A 202 -3.79 -3.11 -19.65
CA SER A 202 -4.53 -1.90 -19.31
C SER A 202 -5.68 -2.16 -18.35
N ASN A 203 -6.23 -3.37 -18.36
CA ASN A 203 -7.33 -3.75 -17.47
C ASN A 203 -6.89 -4.03 -16.05
N VAL A 204 -5.59 -4.07 -15.76
CA VAL A 204 -5.12 -4.16 -14.38
C VAL A 204 -5.13 -2.76 -13.78
N VAL A 205 -5.60 -2.64 -12.54
CA VAL A 205 -5.53 -1.36 -11.84
C VAL A 205 -4.11 -1.19 -11.32
N LYS A 206 -3.46 -0.11 -11.75
CA LYS A 206 -2.04 0.12 -11.51
C LYS A 206 -1.86 1.26 -10.53
N VAL A 207 -0.96 1.06 -9.56
CA VAL A 207 -0.69 2.03 -8.50
C VAL A 207 0.81 2.29 -8.49
N ALA A 208 1.21 3.55 -8.59
CA ALA A 208 2.61 3.93 -8.48
C ALA A 208 2.90 4.32 -7.04
N LYS A 209 3.91 3.69 -6.45
N LYS A 209 3.92 3.69 -6.45
CA LYS A 209 4.31 3.97 -5.08
CA LYS A 209 4.34 3.96 -5.09
C LYS A 209 5.46 4.98 -5.10
C LYS A 209 5.47 4.99 -5.11
N LEU A 210 5.27 6.08 -4.39
CA LEU A 210 6.19 7.20 -4.42
C LEU A 210 6.38 7.76 -3.02
N GLY A 211 7.58 8.26 -2.75
CA GLY A 211 7.82 8.95 -1.50
C GLY A 211 7.61 10.43 -1.67
N ILE A 212 8.49 11.04 -2.44
CA ILE A 212 8.37 12.45 -2.83
C ILE A 212 7.72 12.49 -4.21
N SER A 213 6.73 13.36 -4.37
N SER A 213 6.78 13.42 -4.37
CA SER A 213 6.16 13.50 -5.70
CA SER A 213 5.97 13.52 -5.58
C SER A 213 5.75 14.94 -5.96
C SER A 213 5.78 14.99 -5.95
N GLU A 214 5.63 15.24 -7.25
CA GLU A 214 5.32 16.56 -7.78
C GLU A 214 4.26 16.36 -8.85
N ARG A 215 3.53 17.44 -9.16
CA ARG A 215 2.38 17.30 -10.05
C ARG A 215 2.79 16.86 -11.46
N ASN A 216 3.93 17.35 -11.97
CA ASN A 216 4.31 16.97 -13.32
C ASN A 216 4.66 15.49 -13.41
N GLU A 217 5.27 14.93 -12.35
CA GLU A 217 5.52 13.50 -12.30
C GLU A 217 4.22 12.72 -12.29
N ILE A 218 3.24 13.18 -11.52
CA ILE A 218 1.91 12.56 -11.50
C ILE A 218 1.33 12.53 -12.91
N GLU A 219 1.36 13.67 -13.60
CA GLU A 219 0.75 13.76 -14.92
C GLU A 219 1.42 12.81 -15.89
N GLU A 220 2.75 12.69 -15.83
CA GLU A 220 3.42 11.77 -16.74
C GLU A 220 3.01 10.33 -16.46
N LEU A 221 2.95 9.95 -15.18
CA LEU A 221 2.59 8.57 -14.83
C LEU A 221 1.16 8.27 -15.23
N ARG A 222 0.26 9.24 -15.07
CA ARG A 222 -1.12 9.03 -15.51
C ARG A 222 -1.19 8.82 -17.02
N LYS A 223 -0.43 9.60 -17.79
CA LYS A 223 -0.40 9.38 -19.24
C LYS A 223 0.09 7.98 -19.58
N LEU A 224 1.02 7.44 -18.79
CA LEU A 224 1.52 6.08 -19.03
C LEU A 224 0.53 5.00 -18.61
N GLY A 225 -0.57 5.37 -17.95
CA GLY A 225 -1.60 4.42 -17.60
C GLY A 225 -1.81 4.16 -16.12
N VAL A 226 -1.06 4.83 -15.24
CA VAL A 226 -1.24 4.64 -13.81
C VAL A 226 -2.62 5.12 -13.41
N ASN A 227 -3.32 4.30 -12.62
CA ASN A 227 -4.65 4.68 -12.13
C ASN A 227 -4.62 5.43 -10.82
N ALA A 228 -3.66 5.15 -9.96
CA ALA A 228 -3.63 5.76 -8.63
C ALA A 228 -2.19 5.83 -8.13
N PHE A 229 -2.01 6.62 -7.08
CA PHE A 229 -0.71 6.94 -6.52
C PHE A 229 -0.73 6.70 -5.02
N LEU A 230 0.26 5.96 -4.55
CA LEU A 230 0.45 5.64 -3.15
C LEU A 230 1.63 6.47 -2.66
N ILE A 231 1.34 7.54 -1.93
CA ILE A 231 2.33 8.56 -1.63
C ILE A 231 2.52 8.65 -0.12
N SER A 232 3.79 8.65 0.31
CA SER A 232 4.09 8.64 1.73
C SER A 232 4.77 9.90 2.24
N SER A 233 6.09 9.99 2.06
N SER A 233 6.06 10.10 1.92
CA SER A 233 6.91 10.91 2.85
CA SER A 233 6.83 11.15 2.58
C SER A 233 6.42 12.35 2.70
C SER A 233 6.24 12.53 2.35
N SER A 234 6.13 12.77 1.47
N SER A 234 5.98 12.89 1.08
CA SER A 234 5.69 14.13 1.25
CA SER A 234 5.48 14.24 0.80
C SER A 234 4.43 14.45 2.04
C SER A 234 4.29 14.59 1.67
N LEU A 235 3.38 13.63 1.87
CA LEU A 235 2.13 13.89 2.56
C LEU A 235 2.27 13.77 4.07
N MET A 236 3.12 12.86 4.56
CA MET A 236 3.38 12.82 5.99
C MET A 236 4.03 14.12 6.47
N ARG A 237 4.87 14.74 5.63
CA ARG A 237 5.49 15.99 6.05
C ARG A 237 4.57 17.18 5.82
N ASN A 238 3.75 17.15 4.78
CA ASN A 238 2.95 18.30 4.37
C ASN A 238 1.60 17.80 3.86
N PRO A 239 0.68 17.49 4.77
CA PRO A 239 -0.60 16.91 4.31
C PRO A 239 -1.31 17.75 3.26
N GLU A 240 -1.27 19.07 3.42
N GLU A 240 -1.32 19.07 3.39
CA GLU A 240 -1.98 19.99 2.54
CA GLU A 240 -2.12 19.84 2.46
C GLU A 240 -1.50 19.92 1.10
C GLU A 240 -1.52 19.89 1.07
N LYS A 241 -0.32 19.34 0.86
CA LYS A 241 0.18 19.21 -0.50
C LYS A 241 -0.72 18.37 -1.37
N ILE A 242 -1.59 17.54 -0.77
CA ILE A 242 -2.47 16.71 -1.58
C ILE A 242 -3.37 17.58 -2.45
N LYS A 243 -3.69 18.79 -1.98
CA LYS A 243 -4.54 19.67 -2.76
C LYS A 243 -3.86 20.08 -4.05
N GLU A 244 -2.58 20.47 -3.97
CA GLU A 244 -1.83 20.80 -5.17
C GLU A 244 -1.73 19.61 -6.12
N LEU A 245 -1.49 18.43 -5.56
CA LEU A 245 -1.29 17.25 -6.40
C LEU A 245 -2.55 16.85 -7.14
N ILE A 246 -3.72 17.20 -6.61
CA ILE A 246 -4.98 16.83 -7.22
C ILE A 246 -5.43 17.87 -8.24
N GLU A 247 -5.39 19.14 -7.87
CA GLU A 247 -5.98 20.19 -8.70
C GLU A 247 -4.99 20.68 -9.75
CL CL B . 8.84 2.34 -3.45
#